data_7ZV8
#
_entry.id   7ZV8
#
_cell.length_a   55.361
_cell.length_b   53.982
_cell.length_c   93.137
_cell.angle_alpha   90.000
_cell.angle_beta   104.840
_cell.angle_gamma   90.000
#
_symmetry.space_group_name_H-M   'P 1 21 1'
#
loop_
_entity.id
_entity.type
_entity.pdbx_description
1 polymer '3C-like proteinase nsp5'
2 polymer 'inhibitor 58'
3 non-polymer 'DIMETHYL SULFOXIDE'
4 non-polymer 'OCTANOIC ACID (CAPRYLIC ACID)'
5 water water
#
loop_
_entity_poly.entity_id
_entity_poly.type
_entity_poly.pdbx_seq_one_letter_code
_entity_poly.pdbx_strand_id
1 'polypeptide(L)'
;SGFRKMAFPSGKVEGCMVQVTCGTTTLNGLWLDDVVYCPRHVICTSEDMLNPNYEDLLIRKSNHNFLVQAGNVQLRVIGH
SMQNCVLKLKVDTANPKTPKYKFVRIQPGQTFSVLACYNGSPSGVYQCAMRPNFTIKGSFLNGSCGSVGFNIDYDCVSFC
YMHHMELPTGVHAGTDLEGNFYGPFVDRQTAQAAGTDTTITVNVLAWLYAAVINGDRWFLNRFTTTLNDFNLVAMKYNYE
PLTQDHVDILGPLSAQTGIAVLDMCASLKELLQNGMNGRTILGSALLEDEFTPFDVVRQCSGVTFQ
;
A,B
2 'polypeptide(L)' GF(HSV) C,D
#
# COMPACT_ATOMS: atom_id res chain seq x y z
N SER A 1 15.59 -7.05 -3.17
CA SER A 1 15.02 -6.60 -4.42
C SER A 1 13.48 -6.70 -4.42
N GLY A 2 12.88 -6.32 -5.52
CA GLY A 2 11.44 -6.23 -5.67
C GLY A 2 11.03 -4.76 -5.67
N PHE A 3 9.85 -4.47 -6.19
CA PHE A 3 9.38 -3.10 -6.25
C PHE A 3 7.89 -3.12 -6.26
N ARG A 4 7.29 -2.46 -5.29
CA ARG A 4 5.86 -2.43 -5.06
C ARG A 4 5.36 -1.03 -4.76
N LYS A 5 4.03 -0.84 -4.84
CA LYS A 5 3.38 0.40 -4.43
C LYS A 5 3.41 0.34 -2.92
N MET A 6 4.42 0.94 -2.33
CA MET A 6 4.61 0.88 -0.89
C MET A 6 4.13 2.16 -0.25
N ALA A 7 3.29 2.05 0.75
CA ALA A 7 2.80 3.19 1.54
C ALA A 7 3.63 3.25 2.84
N PHE A 8 3.54 4.35 3.59
CA PHE A 8 4.18 4.46 4.89
C PHE A 8 3.33 3.66 5.87
N PRO A 9 3.97 3.13 6.93
CA PRO A 9 3.19 2.47 7.99
C PRO A 9 2.19 3.48 8.57
N SER A 10 0.92 3.09 8.74
CA SER A 10 -0.15 4.02 9.11
C SER A 10 -0.43 4.23 10.59
N GLY A 11 0.21 3.46 11.45
CA GLY A 11 -0.04 3.49 12.89
C GLY A 11 -0.06 4.86 13.54
N LYS A 12 0.93 5.71 13.21
CA LYS A 12 0.96 7.06 13.79
C LYS A 12 -0.26 7.88 13.42
N VAL A 13 -0.82 7.67 12.23
CA VAL A 13 -2.04 8.36 11.80
C VAL A 13 -3.28 7.70 12.40
N GLU A 14 -3.33 6.37 12.49
CA GLU A 14 -4.48 5.67 13.09
C GLU A 14 -4.79 6.15 14.49
N GLY A 15 -3.75 6.44 15.27
CA GLY A 15 -3.95 6.92 16.64
C GLY A 15 -4.54 8.32 16.73
N CYS A 16 -4.66 9.01 15.59
CA CYS A 16 -5.21 10.37 15.55
C CYS A 16 -6.59 10.44 14.96
N MET A 17 -7.11 9.34 14.40
CA MET A 17 -8.44 9.38 13.77
C MET A 17 -9.59 9.33 14.76
N VAL A 18 -10.52 10.30 14.63
CA VAL A 18 -11.72 10.39 15.45
C VAL A 18 -12.94 10.55 14.54
N GLN A 19 -14.13 10.38 15.09
CA GLN A 19 -15.37 10.54 14.35
C GLN A 19 -15.97 11.87 14.78
N VAL A 20 -16.36 12.71 13.83
CA VAL A 20 -16.98 14.00 14.11
C VAL A 20 -18.37 13.98 13.52
N THR A 21 -19.38 14.34 14.33
CA THR A 21 -20.78 14.38 13.94
C THR A 21 -21.37 15.77 14.19
N CYS A 22 -22.10 16.32 13.24
CA CYS A 22 -22.79 17.59 13.41
C CYS A 22 -24.17 17.41 12.78
N GLY A 23 -25.19 17.24 13.60
CA GLY A 23 -26.54 16.97 13.12
C GLY A 23 -26.60 15.61 12.48
N THR A 24 -27.01 15.55 11.21
CA THR A 24 -27.08 14.27 10.49
C THR A 24 -25.81 13.91 9.71
N THR A 25 -24.79 14.77 9.74
CA THR A 25 -23.55 14.51 8.98
C THR A 25 -22.46 13.92 9.84
N THR A 26 -21.89 12.81 9.39
CA THR A 26 -20.81 12.15 10.07
C THR A 26 -19.63 11.98 9.14
N LEU A 27 -18.44 12.33 9.62
CA LEU A 27 -17.22 12.16 8.87
C LEU A 27 -16.03 11.92 9.83
N ASN A 28 -14.79 11.95 9.31
CA ASN A 28 -13.61 11.71 10.14
C ASN A 28 -12.98 13.02 10.55
N GLY A 29 -12.26 12.98 11.65
CA GLY A 29 -11.46 14.10 12.14
C GLY A 29 -10.05 13.63 12.45
N LEU A 30 -9.10 14.58 12.49
CA LEU A 30 -7.69 14.29 12.80
C LEU A 30 -7.43 15.00 14.11
N TRP A 31 -7.08 14.26 15.13
CA TRP A 31 -6.87 14.80 16.47
C TRP A 31 -5.37 14.86 16.81
N LEU A 32 -4.83 16.08 16.84
CA LEU A 32 -3.43 16.36 17.12
C LEU A 32 -3.38 17.35 18.25
N ASP A 33 -2.68 17.00 19.34
CA ASP A 33 -2.67 17.84 20.54
C ASP A 33 -4.14 18.03 21.02
N ASP A 34 -4.59 19.24 21.37
CA ASP A 34 -5.97 19.42 21.81
C ASP A 34 -6.86 20.01 20.72
N VAL A 35 -6.59 19.68 19.45
CA VAL A 35 -7.39 20.20 18.34
C VAL A 35 -7.81 19.06 17.40
N VAL A 36 -9.04 19.08 16.92
CA VAL A 36 -9.53 18.11 15.95
C VAL A 36 -9.78 18.87 14.65
N TYR A 37 -9.20 18.39 13.56
CA TYR A 37 -9.32 19.02 12.25
C TYR A 37 -10.29 18.21 11.42
N CYS A 38 -11.22 18.86 10.69
CA CYS A 38 -12.11 18.13 9.80
C CYS A 38 -12.68 19.01 8.70
N PRO A 39 -13.18 18.47 7.57
CA PRO A 39 -13.77 19.34 6.53
C PRO A 39 -14.89 20.21 7.11
N ARG A 40 -14.92 21.50 6.76
CA ARG A 40 -15.95 22.40 7.29
C ARG A 40 -17.34 22.06 6.82
N HIS A 41 -17.49 21.28 5.71
CA HIS A 41 -18.84 20.93 5.25
C HIS A 41 -19.59 20.03 6.23
N VAL A 42 -18.94 19.58 7.33
CA VAL A 42 -19.63 18.81 8.38
C VAL A 42 -20.80 19.63 8.99
N ILE A 43 -20.68 20.97 9.00
CA ILE A 43 -21.72 21.86 9.52
C ILE A 43 -22.79 22.20 8.48
N CYS A 44 -22.52 21.95 7.19
CA CYS A 44 -23.43 22.26 6.10
C CYS A 44 -24.13 21.01 5.58
N LEU A 50 -25.57 23.65 -1.20
CA LEU A 50 -25.92 24.26 -2.48
C LEU A 50 -25.33 25.67 -2.59
N ASN A 51 -25.62 26.53 -1.61
CA ASN A 51 -25.11 27.89 -1.52
C ASN A 51 -24.92 28.18 -0.05
N PRO A 52 -23.85 27.63 0.55
CA PRO A 52 -23.67 27.80 1.99
C PRO A 52 -22.98 29.09 2.39
N ASN A 53 -23.36 29.62 3.56
CA ASN A 53 -22.74 30.80 4.14
C ASN A 53 -22.05 30.21 5.35
N TYR A 54 -20.84 29.66 5.15
CA TYR A 54 -20.14 28.97 6.22
C TYR A 54 -19.96 29.81 7.49
N GLU A 55 -19.56 31.09 7.36
CA GLU A 55 -19.40 31.96 8.51
C GLU A 55 -20.68 32.09 9.35
N ASP A 56 -21.84 32.28 8.69
CA ASP A 56 -23.12 32.41 9.39
C ASP A 56 -23.56 31.08 9.99
N LEU A 57 -23.29 29.97 9.28
CA LEU A 57 -23.59 28.62 9.75
C LEU A 57 -22.76 28.31 11.00
N LEU A 58 -21.50 28.75 11.01
CA LEU A 58 -20.60 28.50 12.13
C LEU A 58 -20.96 29.33 13.33
N ILE A 59 -21.28 30.64 13.15
CA ILE A 59 -21.68 31.46 14.30
C ILE A 59 -22.97 30.91 14.93
N ARG A 60 -23.87 30.29 14.13
CA ARG A 60 -25.11 29.68 14.60
C ARG A 60 -24.87 28.40 15.42
N LYS A 61 -23.78 27.70 15.16
CA LYS A 61 -23.45 26.47 15.87
C LYS A 61 -22.69 26.79 17.17
N SER A 62 -22.78 25.90 18.15
CA SER A 62 -22.09 26.06 19.43
C SER A 62 -21.18 24.82 19.68
N ASN A 63 -20.26 24.89 20.68
CA ASN A 63 -19.34 23.79 21.00
C ASN A 63 -20.04 22.46 21.20
N HIS A 64 -21.18 22.47 21.92
CA HIS A 64 -21.96 21.28 22.22
C HIS A 64 -22.61 20.63 20.99
N ASN A 65 -22.75 21.38 19.88
CA ASN A 65 -23.31 20.85 18.64
C ASN A 65 -22.35 19.90 17.89
N PHE A 66 -21.09 19.77 18.34
CA PHE A 66 -20.12 18.90 17.69
C PHE A 66 -19.87 17.69 18.57
N LEU A 67 -20.12 16.50 18.03
CA LEU A 67 -19.93 15.26 18.75
C LEU A 67 -18.64 14.62 18.26
N VAL A 68 -17.63 14.53 19.12
CA VAL A 68 -16.32 13.99 18.75
C VAL A 68 -16.07 12.70 19.50
N GLN A 69 -15.87 11.60 18.79
CA GLN A 69 -15.65 10.31 19.43
C GLN A 69 -14.32 9.72 19.04
N ALA A 70 -13.51 9.36 20.03
CA ALA A 70 -12.22 8.73 19.84
C ALA A 70 -12.36 7.31 20.34
N GLY A 71 -12.65 6.37 19.44
CA GLY A 71 -12.87 4.99 19.83
C GLY A 71 -14.16 4.89 20.60
N ASN A 72 -14.07 4.71 21.94
CA ASN A 72 -15.22 4.68 22.84
C ASN A 72 -15.34 5.92 23.72
N VAL A 73 -14.33 6.79 23.74
CA VAL A 73 -14.33 7.98 24.58
C VAL A 73 -14.94 9.16 23.84
N GLN A 74 -15.76 9.97 24.51
CA GLN A 74 -16.30 11.18 23.88
C GLN A 74 -15.40 12.36 24.28
N LEU A 75 -14.96 13.18 23.31
CA LEU A 75 -14.13 14.33 23.61
C LEU A 75 -14.99 15.56 23.80
N ARG A 76 -14.75 16.29 24.89
CA ARG A 76 -15.51 17.50 25.14
C ARG A 76 -14.92 18.61 24.28
N VAL A 77 -15.74 19.23 23.41
CA VAL A 77 -15.32 20.35 22.57
C VAL A 77 -15.43 21.67 23.34
N ILE A 78 -14.31 22.36 23.58
CA ILE A 78 -14.31 23.61 24.34
C ILE A 78 -14.09 24.88 23.48
N GLY A 79 -14.01 24.74 22.18
CA GLY A 79 -13.82 25.86 21.27
C GLY A 79 -13.99 25.45 19.83
N HIS A 80 -14.26 26.42 18.93
CA HIS A 80 -14.39 26.09 17.51
C HIS A 80 -14.10 27.26 16.63
N SER A 81 -13.35 27.01 15.57
CA SER A 81 -13.02 28.05 14.62
C SER A 81 -12.92 27.45 13.22
N MET A 82 -12.89 28.30 12.21
CA MET A 82 -12.81 27.85 10.82
C MET A 82 -11.54 28.43 10.20
N GLN A 83 -10.77 27.61 9.49
CA GLN A 83 -9.59 28.10 8.81
C GLN A 83 -9.72 27.66 7.37
N ASN A 84 -10.16 28.55 6.49
CA ASN A 84 -10.36 28.23 5.09
C ASN A 84 -11.46 27.13 5.00
N CYS A 85 -11.21 25.97 4.35
CA CYS A 85 -12.22 24.90 4.27
C CYS A 85 -12.09 23.85 5.36
N VAL A 86 -11.34 24.12 6.44
CA VAL A 86 -11.26 23.16 7.55
C VAL A 86 -11.82 23.76 8.82
N LEU A 87 -12.39 22.90 9.63
CA LEU A 87 -12.97 23.24 10.90
C LEU A 87 -12.02 22.72 11.96
N LYS A 88 -11.70 23.57 12.94
CA LYS A 88 -10.80 23.22 14.03
C LYS A 88 -11.60 23.25 15.33
N LEU A 89 -11.73 22.09 15.96
CA LEU A 89 -12.47 21.95 17.20
C LEU A 89 -11.49 21.79 18.35
N LYS A 90 -11.45 22.75 19.28
CA LYS A 90 -10.57 22.64 20.43
C LYS A 90 -11.20 21.66 21.39
N VAL A 91 -10.48 20.63 21.83
CA VAL A 91 -11.03 19.67 22.77
C VAL A 91 -10.36 19.78 24.14
N ASP A 92 -10.99 19.23 25.19
CA ASP A 92 -10.48 19.37 26.56
C ASP A 92 -9.30 18.44 26.90
N THR A 93 -8.84 17.64 25.95
CA THR A 93 -7.76 16.69 26.21
C THR A 93 -6.81 16.66 25.02
N ALA A 94 -5.51 16.76 25.27
CA ALA A 94 -4.53 16.65 24.21
C ALA A 94 -4.35 15.14 23.91
N ASN A 95 -4.32 14.74 22.63
CA ASN A 95 -4.18 13.34 22.25
C ASN A 95 -2.86 12.76 22.75
N PRO A 96 -2.92 11.78 23.66
CA PRO A 96 -1.68 11.17 24.16
C PRO A 96 -0.89 10.40 23.10
N LYS A 97 -1.50 10.10 21.95
CA LYS A 97 -0.84 9.41 20.85
C LYS A 97 -0.43 10.35 19.72
N THR A 98 -0.42 11.70 19.96
CA THR A 98 -0.01 12.65 18.94
C THR A 98 1.43 12.41 18.58
N PRO A 99 1.73 12.11 17.31
CA PRO A 99 3.12 11.90 16.94
C PRO A 99 3.78 13.27 16.72
N LYS A 100 5.09 13.27 16.37
CA LYS A 100 5.74 14.48 15.91
C LYS A 100 5.10 14.76 14.52
N TYR A 101 4.66 15.99 14.27
CA TYR A 101 3.95 16.28 13.03
C TYR A 101 4.18 17.67 12.47
N LYS A 102 3.90 17.82 11.19
CA LYS A 102 3.96 19.07 10.47
C LYS A 102 2.80 19.08 9.45
N PHE A 103 2.39 20.27 9.04
CA PHE A 103 1.38 20.42 7.99
C PHE A 103 2.13 20.95 6.78
N VAL A 104 2.14 20.21 5.67
CA VAL A 104 2.86 20.66 4.48
C VAL A 104 1.93 20.66 3.28
N ARG A 105 2.17 21.55 2.34
CA ARG A 105 1.42 21.58 1.10
C ARG A 105 2.35 20.99 0.07
N ILE A 106 1.91 19.93 -0.62
CA ILE A 106 2.77 19.31 -1.61
C ILE A 106 2.57 19.89 -3.01
N GLN A 107 3.51 19.63 -3.90
CA GLN A 107 3.45 20.10 -5.28
C GLN A 107 3.01 18.94 -6.17
N PRO A 108 2.51 19.21 -7.39
CA PRO A 108 2.15 18.12 -8.30
C PRO A 108 3.36 17.23 -8.57
N GLY A 109 3.11 15.96 -8.70
CA GLY A 109 4.17 14.99 -8.90
C GLY A 109 4.59 14.30 -7.61
N GLN A 110 4.27 14.88 -6.46
CA GLN A 110 4.65 14.32 -5.17
C GLN A 110 3.71 13.22 -4.73
N THR A 111 4.26 12.23 -4.05
CA THR A 111 3.48 11.10 -3.59
C THR A 111 3.21 11.16 -2.11
N PHE A 112 2.21 10.42 -1.66
CA PHE A 112 1.87 10.36 -0.24
C PHE A 112 0.98 9.16 0.02
N SER A 113 0.89 8.72 1.27
CA SER A 113 0.00 7.59 1.61
C SER A 113 -1.34 8.14 2.09
N VAL A 114 -2.41 7.40 1.88
CA VAL A 114 -3.74 7.80 2.34
C VAL A 114 -4.25 6.73 3.30
N LEU A 115 -4.71 7.11 4.48
CA LEU A 115 -5.35 6.16 5.40
C LEU A 115 -6.84 6.43 5.23
N ALA A 116 -7.51 5.58 4.44
CA ALA A 116 -8.92 5.76 4.18
C ALA A 116 -9.64 5.32 5.44
N CYS A 117 -10.58 6.13 5.95
CA CYS A 117 -11.32 5.88 7.18
C CYS A 117 -12.79 6.08 6.98
N TYR A 118 -13.63 5.40 7.83
CA TYR A 118 -15.08 5.56 7.90
C TYR A 118 -15.45 5.53 9.36
N ASN A 119 -16.23 6.53 9.83
CA ASN A 119 -16.68 6.65 11.23
C ASN A 119 -15.51 6.67 12.20
N GLY A 120 -14.42 7.32 11.81
CA GLY A 120 -13.22 7.42 12.62
C GLY A 120 -12.41 6.13 12.74
N SER A 121 -12.75 5.10 11.94
CA SER A 121 -12.03 3.81 11.99
C SER A 121 -11.33 3.56 10.66
N PRO A 122 -10.12 2.97 10.69
CA PRO A 122 -9.39 2.75 9.44
C PRO A 122 -9.87 1.60 8.56
N SER A 123 -9.87 1.82 7.26
CA SER A 123 -10.27 0.81 6.29
C SER A 123 -9.03 0.22 5.60
N GLY A 124 -8.08 1.06 5.25
CA GLY A 124 -6.88 0.61 4.57
C GLY A 124 -5.96 1.72 4.22
N VAL A 125 -4.76 1.38 3.78
N VAL A 125 -4.71 1.40 3.83
CA VAL A 125 -3.78 2.36 3.38
CA VAL A 125 -3.72 2.41 3.47
C VAL A 125 -3.35 2.12 1.95
C VAL A 125 -3.12 2.16 2.07
N TYR A 126 -3.04 3.20 1.24
CA TYR A 126 -2.53 3.06 -0.12
C TYR A 126 -1.70 4.25 -0.47
N GLN A 127 -0.90 4.13 -1.53
CA GLN A 127 -0.05 5.20 -1.98
C GLN A 127 -0.66 5.84 -3.21
N CYS A 128 -0.60 7.15 -3.29
CA CYS A 128 -1.08 7.85 -4.46
C CYS A 128 -0.24 9.10 -4.75
N ALA A 129 -0.51 9.80 -5.85
CA ALA A 129 0.25 10.99 -6.19
C ALA A 129 -0.66 12.15 -6.45
N MET A 130 -0.17 13.36 -6.18
CA MET A 130 -0.88 14.59 -6.49
C MET A 130 -0.65 14.76 -7.98
N ARG A 131 -1.71 14.64 -8.77
CA ARG A 131 -1.57 14.76 -10.22
C ARG A 131 -1.25 16.19 -10.63
N PRO A 132 -0.67 16.40 -11.83
CA PRO A 132 -0.47 17.77 -12.32
C PRO A 132 -1.75 18.60 -12.40
N ASN A 133 -2.95 17.97 -12.57
CA ASN A 133 -4.21 18.73 -12.58
C ASN A 133 -4.83 18.92 -11.18
N PHE A 134 -4.05 18.66 -10.11
CA PHE A 134 -4.43 18.84 -8.70
C PHE A 134 -5.55 17.93 -8.17
N THR A 135 -5.64 16.74 -8.73
CA THR A 135 -6.57 15.73 -8.24
C THR A 135 -5.73 14.51 -7.83
N ILE A 136 -6.34 13.58 -7.10
CA ILE A 136 -5.70 12.34 -6.76
C ILE A 136 -6.55 11.20 -7.27
N LYS A 137 -5.93 10.11 -7.69
CA LYS A 137 -6.70 8.95 -8.14
C LYS A 137 -6.80 8.07 -6.90
N GLY A 138 -7.71 8.41 -5.99
CA GLY A 138 -7.84 7.67 -4.75
C GLY A 138 -8.83 6.54 -4.82
N SER A 139 -9.18 6.03 -3.64
CA SER A 139 -10.15 4.97 -3.47
C SER A 139 -10.97 5.39 -2.26
N PHE A 140 -12.09 6.09 -2.50
CA PHE A 140 -12.89 6.64 -1.42
C PHE A 140 -14.35 6.41 -1.68
N LEU A 141 -15.12 6.18 -0.62
CA LEU A 141 -16.57 6.05 -0.69
C LEU A 141 -17.22 7.14 0.19
N ASN A 142 -18.57 7.23 0.21
CA ASN A 142 -19.29 8.17 1.07
C ASN A 142 -18.90 7.96 2.55
N GLY A 143 -18.59 9.03 3.24
CA GLY A 143 -18.17 8.95 4.64
C GLY A 143 -16.66 8.95 4.85
N SER A 144 -15.88 8.95 3.76
CA SER A 144 -14.41 8.98 3.84
C SER A 144 -13.85 10.38 4.02
N CYS A 145 -14.70 11.45 4.01
CA CYS A 145 -14.24 12.81 4.25
C CYS A 145 -13.48 12.89 5.57
N GLY A 146 -12.42 13.68 5.59
CA GLY A 146 -11.61 13.81 6.79
C GLY A 146 -10.48 12.80 6.84
N SER A 147 -10.47 11.81 5.93
CA SER A 147 -9.35 10.86 5.81
C SER A 147 -8.17 11.73 5.29
N VAL A 148 -6.94 11.44 5.74
CA VAL A 148 -5.80 12.26 5.39
C VAL A 148 -4.72 11.51 4.60
N GLY A 149 -3.90 12.28 3.91
CA GLY A 149 -2.73 11.83 3.19
C GLY A 149 -1.51 12.36 3.94
N PHE A 150 -0.44 11.59 3.95
CA PHE A 150 0.73 11.95 4.72
C PHE A 150 1.99 11.29 4.20
N ASN A 151 3.12 11.85 4.60
CA ASN A 151 4.44 11.27 4.40
C ASN A 151 5.06 11.18 5.79
N ILE A 152 5.92 10.20 6.03
CA ILE A 152 6.60 10.08 7.30
C ILE A 152 8.08 10.22 7.06
N ASP A 153 8.73 11.13 7.75
CA ASP A 153 10.16 11.32 7.63
C ASP A 153 10.75 11.15 9.02
N TYR A 154 11.43 10.03 9.30
CA TYR A 154 12.07 9.85 10.61
C TYR A 154 11.17 10.14 11.83
N ASP A 155 10.08 9.43 11.94
CA ASP A 155 9.15 9.56 13.07
C ASP A 155 8.26 10.83 12.99
N CYS A 156 8.58 11.80 12.11
CA CYS A 156 7.72 12.98 11.95
C CYS A 156 6.69 12.80 10.81
N VAL A 157 5.41 12.92 11.14
CA VAL A 157 4.35 12.82 10.14
C VAL A 157 4.04 14.18 9.47
N SER A 158 4.24 14.29 8.16
CA SER A 158 3.89 15.51 7.43
C SER A 158 2.56 15.24 6.78
N PHE A 159 1.49 15.84 7.30
CA PHE A 159 0.16 15.69 6.75
C PHE A 159 0.04 16.62 5.55
N CYS A 160 -0.40 16.12 4.40
CA CYS A 160 -0.48 16.98 3.22
C CYS A 160 -1.85 17.05 2.58
N TYR A 161 -2.74 16.13 2.88
CA TYR A 161 -4.05 16.06 2.23
C TYR A 161 -5.15 15.71 3.20
N MET A 162 -6.33 16.28 3.00
CA MET A 162 -7.52 15.92 3.75
C MET A 162 -8.60 15.80 2.72
N HIS A 163 -9.30 14.69 2.71
CA HIS A 163 -10.31 14.38 1.73
C HIS A 163 -11.61 15.13 1.85
N HIS A 164 -12.11 15.70 0.73
CA HIS A 164 -13.38 16.40 0.74
C HIS A 164 -14.44 15.87 -0.23
N MET A 165 -14.05 15.45 -1.46
CA MET A 165 -15.05 15.12 -2.46
C MET A 165 -14.57 14.31 -3.64
N GLU A 166 -15.52 13.80 -4.41
CA GLU A 166 -15.26 13.08 -5.62
C GLU A 166 -15.81 13.87 -6.78
N LEU A 167 -15.02 13.95 -7.83
CA LEU A 167 -15.35 14.65 -9.05
C LEU A 167 -16.05 13.70 -10.06
N PRO A 168 -16.71 14.25 -11.11
CA PRO A 168 -17.44 13.39 -12.05
C PRO A 168 -16.70 12.19 -12.65
N THR A 169 -15.40 12.32 -12.95
CA THR A 169 -14.65 11.20 -13.53
C THR A 169 -14.17 10.12 -12.55
N GLY A 170 -14.51 10.24 -11.27
CA GLY A 170 -14.09 9.25 -10.28
C GLY A 170 -12.79 9.58 -9.55
N VAL A 171 -12.18 10.74 -9.87
CA VAL A 171 -10.97 11.22 -9.17
C VAL A 171 -11.37 12.10 -7.98
N HIS A 172 -10.44 12.37 -7.07
CA HIS A 172 -10.74 13.04 -5.83
C HIS A 172 -10.07 14.37 -5.63
N ALA A 173 -10.74 15.19 -4.84
CA ALA A 173 -10.24 16.51 -4.54
C ALA A 173 -10.27 16.76 -3.04
N GLY A 174 -9.32 17.55 -2.58
CA GLY A 174 -9.25 17.88 -1.17
C GLY A 174 -8.32 19.03 -0.89
N THR A 175 -8.04 19.25 0.40
CA THR A 175 -7.26 20.37 0.84
C THR A 175 -5.98 19.91 1.55
N ASP A 176 -5.08 20.85 1.85
CA ASP A 176 -3.98 20.57 2.76
C ASP A 176 -4.63 20.73 4.20
N LEU A 177 -3.87 20.49 5.27
CA LEU A 177 -4.40 20.59 6.64
C LEU A 177 -4.69 22.02 7.12
N GLU A 178 -4.41 23.01 6.28
CA GLU A 178 -4.77 24.38 6.56
C GLU A 178 -6.09 24.81 5.83
N GLY A 179 -6.75 23.86 5.17
CA GLY A 179 -8.03 24.12 4.52
C GLY A 179 -7.97 24.68 3.13
N ASN A 180 -6.78 24.76 2.53
CA ASN A 180 -6.65 25.29 1.17
C ASN A 180 -6.71 24.17 0.16
N PHE A 181 -7.73 24.20 -0.71
CA PHE A 181 -7.91 23.19 -1.72
C PHE A 181 -6.73 23.12 -2.66
N TYR A 182 -6.40 21.90 -3.06
CA TYR A 182 -5.44 21.69 -4.12
C TYR A 182 -6.26 21.89 -5.38
N GLY A 183 -5.81 22.75 -6.26
CA GLY A 183 -6.51 23.03 -7.50
C GLY A 183 -7.64 24.03 -7.33
N PRO A 184 -8.42 24.23 -8.39
CA PRO A 184 -9.50 25.23 -8.34
C PRO A 184 -10.81 24.79 -7.72
N PHE A 185 -10.82 23.75 -6.92
CA PHE A 185 -12.07 23.19 -6.40
C PHE A 185 -12.60 23.93 -5.17
N VAL A 186 -13.92 23.86 -4.98
CA VAL A 186 -14.62 24.53 -3.90
C VAL A 186 -15.55 23.56 -3.16
N ASP A 187 -15.82 23.84 -1.88
CA ASP A 187 -16.72 23.01 -1.11
C ASP A 187 -18.16 23.52 -1.17
N ARG A 188 -18.72 23.50 -2.38
CA ARG A 188 -20.08 23.93 -2.68
C ARG A 188 -20.62 23.02 -3.80
N GLN A 189 -21.95 22.84 -3.86
CA GLN A 189 -22.53 21.96 -4.88
C GLN A 189 -22.71 22.67 -6.21
N THR A 190 -21.59 23.03 -6.81
CA THR A 190 -21.51 23.70 -8.09
C THR A 190 -20.90 22.75 -9.13
N ALA A 191 -20.88 23.13 -10.42
CA ALA A 191 -20.27 22.29 -11.44
C ALA A 191 -18.76 22.48 -11.36
N GLN A 192 -18.02 21.38 -11.28
CA GLN A 192 -16.58 21.41 -11.26
C GLN A 192 -16.04 20.09 -11.72
N ALA A 193 -15.04 20.14 -12.58
CA ALA A 193 -14.45 18.94 -13.15
C ALA A 193 -12.94 19.07 -13.20
N ALA A 194 -12.23 17.94 -13.24
CA ALA A 194 -10.78 17.96 -13.31
C ALA A 194 -10.36 18.43 -14.70
N GLY A 195 -9.27 19.18 -14.78
CA GLY A 195 -8.73 19.61 -16.06
C GLY A 195 -7.96 18.50 -16.75
N THR A 196 -7.36 18.81 -17.91
CA THR A 196 -6.55 17.84 -18.64
C THR A 196 -5.33 17.48 -17.78
N ASP A 197 -5.03 16.19 -17.65
CA ASP A 197 -3.88 15.75 -16.87
C ASP A 197 -2.70 15.47 -17.80
N THR A 198 -1.48 15.37 -17.24
CA THR A 198 -0.25 15.06 -17.94
C THR A 198 0.50 13.96 -17.15
N THR A 199 1.50 13.34 -17.76
CA THR A 199 2.29 12.32 -17.07
C THR A 199 3.50 12.98 -16.39
N ILE A 200 3.86 12.56 -15.17
CA ILE A 200 4.98 13.13 -14.41
C ILE A 200 6.27 12.47 -14.88
N THR A 201 6.96 13.11 -15.83
CA THR A 201 8.19 12.60 -16.47
C THR A 201 9.26 12.17 -15.49
N VAL A 202 9.59 13.02 -14.51
CA VAL A 202 10.67 12.71 -13.58
C VAL A 202 10.37 11.41 -12.80
N ASN A 203 9.08 11.13 -12.51
CA ASN A 203 8.69 9.91 -11.81
C ASN A 203 8.78 8.71 -12.76
N VAL A 204 8.47 8.88 -14.06
CA VAL A 204 8.59 7.75 -15.02
C VAL A 204 10.07 7.35 -15.13
N LEU A 205 10.96 8.34 -15.18
CA LEU A 205 12.39 8.09 -15.22
C LEU A 205 12.85 7.41 -13.94
N ALA A 206 12.40 7.88 -12.75
CA ALA A 206 12.74 7.24 -11.47
C ALA A 206 12.37 5.74 -11.47
N TRP A 207 11.18 5.43 -11.97
CA TRP A 207 10.67 4.05 -12.03
C TRP A 207 11.45 3.21 -13.07
N LEU A 208 11.92 3.85 -14.16
CA LEU A 208 12.79 3.16 -15.11
C LEU A 208 14.12 2.78 -14.44
N TYR A 209 14.66 3.67 -13.56
CA TYR A 209 15.89 3.37 -12.81
C TYR A 209 15.62 2.24 -11.80
N ALA A 210 14.46 2.27 -11.12
CA ALA A 210 14.05 1.18 -10.22
C ALA A 210 14.02 -0.16 -10.96
N ALA A 211 13.52 -0.17 -12.20
CA ALA A 211 13.50 -1.39 -13.00
C ALA A 211 14.93 -1.87 -13.29
N VAL A 212 15.85 -0.95 -13.63
CA VAL A 212 17.25 -1.31 -13.87
C VAL A 212 17.89 -1.87 -12.60
N ILE A 213 17.68 -1.22 -11.46
CA ILE A 213 18.24 -1.69 -10.18
C ILE A 213 17.75 -3.13 -9.87
N ASN A 214 16.52 -3.43 -10.28
CA ASN A 214 15.88 -4.72 -10.13
C ASN A 214 16.20 -5.75 -11.23
N GLY A 215 17.08 -5.43 -12.16
CA GLY A 215 17.50 -6.40 -13.17
C GLY A 215 16.77 -6.31 -14.49
N ASP A 216 15.74 -5.46 -14.60
CA ASP A 216 15.05 -5.26 -15.86
C ASP A 216 15.83 -4.24 -16.68
N ARG A 217 16.55 -4.69 -17.71
CA ARG A 217 17.33 -3.80 -18.56
C ARG A 217 17.02 -3.95 -20.05
N TRP A 218 15.96 -4.70 -20.42
CA TRP A 218 15.66 -4.94 -21.84
C TRP A 218 15.43 -3.68 -22.66
N PHE A 219 14.95 -2.63 -22.00
CA PHE A 219 14.61 -1.36 -22.65
C PHE A 219 15.78 -0.38 -22.79
N LEU A 220 16.94 -0.67 -22.21
CA LEU A 220 18.09 0.23 -22.28
C LEU A 220 18.67 0.22 -23.67
N ASN A 221 19.21 1.35 -24.12
CA ASN A 221 19.84 1.43 -25.42
C ASN A 221 21.16 2.20 -25.34
N ARG A 222 21.98 2.14 -26.39
CA ARG A 222 23.30 2.78 -26.38
C ARG A 222 23.27 4.29 -26.59
N PHE A 223 22.08 4.90 -26.75
CA PHE A 223 21.99 6.29 -27.15
C PHE A 223 21.73 7.26 -26.03
N THR A 224 22.11 8.53 -26.22
CA THR A 224 21.89 9.56 -25.21
C THR A 224 21.31 10.77 -25.93
N THR A 225 20.25 11.37 -25.38
CA THR A 225 19.65 12.54 -26.03
C THR A 225 20.10 13.84 -25.31
N THR A 226 19.50 15.00 -25.63
CA THR A 226 19.75 16.25 -24.92
C THR A 226 18.41 16.65 -24.29
N LEU A 227 18.46 17.53 -23.27
CA LEU A 227 17.23 17.99 -22.63
C LEU A 227 16.24 18.62 -23.61
N ASN A 228 16.72 19.48 -24.52
CA ASN A 228 15.86 20.13 -25.49
C ASN A 228 15.19 19.14 -26.43
N ASP A 229 15.95 18.14 -26.93
CA ASP A 229 15.40 17.17 -27.85
C ASP A 229 14.40 16.26 -27.16
N PHE A 230 14.70 15.86 -25.92
CA PHE A 230 13.75 15.02 -25.17
C PHE A 230 12.45 15.78 -24.85
N ASN A 231 12.55 17.05 -24.44
CA ASN A 231 11.37 17.85 -24.13
C ASN A 231 10.43 18.03 -25.33
N LEU A 232 10.96 18.04 -26.56
CA LEU A 232 10.12 18.09 -27.76
C LEU A 232 9.27 16.81 -27.83
N VAL A 233 9.88 15.64 -27.52
CA VAL A 233 9.19 14.36 -27.49
C VAL A 233 8.15 14.35 -26.36
N ALA A 234 8.52 14.85 -25.18
CA ALA A 234 7.63 14.86 -24.03
C ALA A 234 6.36 15.68 -24.30
N MET A 235 6.48 16.83 -24.97
CA MET A 235 5.30 17.66 -25.26
C MET A 235 4.33 16.92 -26.18
N LYS A 236 4.85 16.15 -27.16
CA LYS A 236 3.98 15.41 -28.08
C LYS A 236 3.22 14.30 -27.35
N TYR A 237 3.83 13.66 -26.36
CA TYR A 237 3.18 12.57 -25.62
C TYR A 237 2.50 13.01 -24.32
N ASN A 238 2.27 14.31 -24.13
CA ASN A 238 1.58 14.80 -22.95
C ASN A 238 2.32 14.49 -21.65
N TYR A 239 3.65 14.57 -21.70
CA TYR A 239 4.48 14.37 -20.54
C TYR A 239 4.93 15.74 -20.08
N GLU A 240 5.09 15.89 -18.77
CA GLU A 240 5.57 17.13 -18.17
C GLU A 240 6.98 17.42 -18.65
N PRO A 241 7.33 18.72 -18.83
CA PRO A 241 8.70 19.04 -19.24
C PRO A 241 9.72 18.57 -18.20
N LEU A 242 10.90 18.18 -18.65
CA LEU A 242 11.98 17.76 -17.77
C LEU A 242 12.90 18.96 -17.56
N THR A 243 13.22 19.28 -16.31
CA THR A 243 14.08 20.40 -16.00
C THR A 243 15.47 19.91 -15.56
N GLN A 244 16.45 20.83 -15.47
CA GLN A 244 17.76 20.49 -14.95
C GLN A 244 17.64 20.09 -13.45
N ASP A 245 16.65 20.65 -12.72
CA ASP A 245 16.45 20.25 -11.33
C ASP A 245 16.01 18.80 -11.20
N HIS A 246 15.20 18.31 -12.16
CA HIS A 246 14.79 16.90 -12.18
C HIS A 246 15.99 16.01 -12.45
N VAL A 247 16.89 16.44 -13.38
CA VAL A 247 18.10 15.71 -13.69
C VAL A 247 18.98 15.59 -12.44
N ASP A 248 19.10 16.70 -11.68
CA ASP A 248 19.88 16.75 -10.46
C ASP A 248 19.30 15.82 -9.38
N ILE A 249 17.98 15.85 -9.18
CA ILE A 249 17.28 14.99 -8.21
C ILE A 249 17.41 13.51 -8.57
N LEU A 250 17.53 13.21 -9.88
CA LEU A 250 17.76 11.83 -10.32
C LEU A 250 19.22 11.36 -10.10
N GLY A 251 20.13 12.28 -9.71
CA GLY A 251 21.56 12.07 -9.45
C GLY A 251 21.96 10.77 -8.76
N PRO A 252 21.36 10.44 -7.61
CA PRO A 252 21.69 9.17 -6.94
C PRO A 252 21.39 7.92 -7.78
N LEU A 253 20.31 7.95 -8.56
CA LEU A 253 19.90 6.80 -9.38
C LEU A 253 20.79 6.67 -10.60
N SER A 254 21.13 7.79 -11.23
CA SER A 254 22.05 7.76 -12.36
C SER A 254 23.45 7.32 -11.87
N ALA A 255 23.88 7.76 -10.68
CA ALA A 255 25.17 7.34 -10.14
C ALA A 255 25.20 5.86 -9.79
N GLN A 256 24.13 5.35 -9.18
CA GLN A 256 24.06 3.96 -8.78
C GLN A 256 24.07 2.98 -9.95
N THR A 257 23.35 3.31 -11.02
CA THR A 257 23.26 2.45 -12.19
C THR A 257 24.31 2.75 -13.30
N GLY A 258 24.99 3.87 -13.19
CA GLY A 258 25.96 4.31 -14.18
C GLY A 258 25.29 4.78 -15.47
N ILE A 259 23.96 5.03 -15.43
CA ILE A 259 23.24 5.46 -16.62
C ILE A 259 22.86 6.93 -16.47
N ALA A 260 23.36 7.80 -17.36
CA ALA A 260 23.03 9.22 -17.30
C ALA A 260 21.53 9.40 -17.51
N VAL A 261 20.97 10.45 -16.94
CA VAL A 261 19.54 10.75 -17.06
C VAL A 261 19.13 10.89 -18.51
N LEU A 262 19.98 11.52 -19.31
CA LEU A 262 19.68 11.74 -20.72
C LEU A 262 19.91 10.49 -21.58
N ASP A 263 20.61 9.47 -21.03
CA ASP A 263 20.76 8.15 -21.65
C ASP A 263 19.41 7.44 -21.37
N MET A 264 18.90 7.48 -20.12
CA MET A 264 17.60 6.93 -19.78
C MET A 264 16.47 7.61 -20.59
N CYS A 265 16.60 8.91 -20.86
CA CYS A 265 15.59 9.62 -21.68
C CYS A 265 15.51 9.08 -23.11
N ALA A 266 16.64 8.60 -23.65
CA ALA A 266 16.61 8.02 -25.00
C ALA A 266 15.86 6.67 -24.98
N SER A 267 15.94 5.91 -23.86
CA SER A 267 15.17 4.67 -23.69
C SER A 267 13.69 5.02 -23.56
N LEU A 268 13.37 6.08 -22.78
CA LEU A 268 11.98 6.53 -22.61
C LEU A 268 11.37 6.98 -23.92
N LYS A 269 12.16 7.65 -24.77
CA LYS A 269 11.66 8.15 -26.05
C LYS A 269 11.31 6.96 -26.94
N GLU A 270 12.18 5.93 -26.98
CA GLU A 270 11.91 4.74 -27.77
C GLU A 270 10.68 3.98 -27.24
N LEU A 271 10.49 3.92 -25.92
CA LEU A 271 9.32 3.25 -25.32
C LEU A 271 8.06 4.04 -25.66
N LEU A 272 8.12 5.37 -25.69
CA LEU A 272 6.95 6.19 -26.05
C LEU A 272 6.57 5.99 -27.51
N GLN A 273 7.57 5.91 -28.39
CA GLN A 273 7.34 5.76 -29.82
C GLN A 273 7.04 4.34 -30.29
N ASN A 274 7.56 3.32 -29.59
CA ASN A 274 7.41 1.93 -30.05
C ASN A 274 6.74 0.96 -29.09
N GLY A 275 6.55 1.34 -27.84
CA GLY A 275 5.94 0.45 -26.87
C GLY A 275 6.88 -0.64 -26.37
N MET A 276 6.33 -1.68 -25.76
CA MET A 276 7.13 -2.74 -25.16
C MET A 276 7.22 -4.06 -25.91
N ASN A 277 6.43 -4.22 -26.98
CA ASN A 277 6.39 -5.45 -27.77
C ASN A 277 6.19 -6.73 -26.93
N GLY A 278 5.26 -6.68 -25.98
CA GLY A 278 4.97 -7.85 -25.15
C GLY A 278 5.70 -7.94 -23.83
N ARG A 279 6.81 -7.24 -23.71
CA ARG A 279 7.61 -7.26 -22.50
C ARG A 279 7.03 -6.34 -21.43
N THR A 280 7.48 -6.53 -20.17
CA THR A 280 6.99 -5.69 -19.09
C THR A 280 8.16 -5.07 -18.32
N ILE A 281 7.86 -4.01 -17.58
CA ILE A 281 8.85 -3.34 -16.75
C ILE A 281 8.26 -3.38 -15.38
N LEU A 282 8.88 -4.13 -14.47
CA LEU A 282 8.40 -4.30 -13.10
C LEU A 282 6.93 -4.76 -13.04
N GLY A 283 6.58 -5.72 -13.92
CA GLY A 283 5.22 -6.26 -13.98
C GLY A 283 4.16 -5.39 -14.63
N SER A 284 4.57 -4.25 -15.19
CA SER A 284 3.63 -3.32 -15.80
C SER A 284 3.84 -3.18 -17.32
N ALA A 285 2.76 -3.11 -18.08
CA ALA A 285 2.78 -2.89 -19.53
C ALA A 285 2.57 -1.40 -19.89
N LEU A 286 2.34 -0.53 -18.90
CA LEU A 286 2.20 0.91 -19.03
C LEU A 286 3.33 1.57 -18.21
N LEU A 287 3.69 2.81 -18.59
CA LEU A 287 4.73 3.52 -17.88
C LEU A 287 4.14 4.10 -16.63
N GLU A 288 4.75 3.79 -15.50
CA GLU A 288 4.25 4.20 -14.20
C GLU A 288 4.86 5.55 -13.76
N ASP A 289 4.01 6.51 -13.36
CA ASP A 289 4.48 7.83 -12.92
C ASP A 289 4.13 8.18 -11.46
N GLU A 290 3.77 7.18 -10.62
CA GLU A 290 3.44 7.53 -9.24
C GLU A 290 4.54 7.13 -8.22
N PHE A 291 5.82 7.11 -8.66
CA PHE A 291 6.94 6.89 -7.73
C PHE A 291 7.90 8.03 -7.95
N THR A 292 8.20 8.80 -6.92
CA THR A 292 9.18 9.89 -7.04
C THR A 292 10.60 9.33 -7.02
N PRO A 293 11.60 10.15 -7.40
CA PRO A 293 13.01 9.72 -7.26
C PRO A 293 13.36 9.35 -5.81
N PHE A 294 12.80 10.09 -4.83
CA PHE A 294 13.03 9.78 -3.40
C PHE A 294 12.41 8.43 -3.05
N ASP A 295 11.20 8.14 -3.52
CA ASP A 295 10.55 6.83 -3.26
C ASP A 295 11.40 5.68 -3.77
N VAL A 296 12.02 5.88 -4.94
CA VAL A 296 12.84 4.85 -5.53
C VAL A 296 14.12 4.61 -4.75
N VAL A 297 14.85 5.66 -4.36
CA VAL A 297 16.08 5.46 -3.55
C VAL A 297 15.75 4.82 -2.20
N ARG A 298 14.60 5.16 -1.63
CA ARG A 298 14.16 4.63 -0.35
C ARG A 298 13.87 3.13 -0.49
N GLN A 299 13.01 2.76 -1.45
CA GLN A 299 12.63 1.37 -1.64
C GLN A 299 13.73 0.45 -2.20
N CYS A 300 14.51 0.92 -3.17
CA CYS A 300 15.53 0.12 -3.82
C CYS A 300 16.86 0.04 -3.10
N SER A 301 17.28 1.13 -2.46
CA SER A 301 18.58 1.16 -1.80
C SER A 301 18.52 1.19 -0.27
N GLY A 302 17.36 1.50 0.28
CA GLY A 302 17.19 1.52 1.73
C GLY A 302 17.50 2.86 2.34
N VAL A 303 17.53 3.92 1.54
CA VAL A 303 17.75 5.29 2.01
C VAL A 303 16.61 5.66 2.97
N THR A 304 16.99 6.18 4.16
CA THR A 304 16.21 6.56 5.35
C THR A 304 15.92 5.35 6.25
N PHE A 305 16.17 4.12 5.78
CA PHE A 305 15.92 2.92 6.61
C PHE A 305 17.18 2.53 7.38
N SER B 1 -15.74 5.95 -5.39
CA SER B 1 -15.15 5.12 -6.42
C SER B 1 -13.58 5.17 -6.40
N GLY B 2 -12.97 4.36 -7.27
CA GLY B 2 -11.54 4.15 -7.34
C GLY B 2 -11.21 2.75 -6.84
N PHE B 3 -10.09 2.20 -7.29
CA PHE B 3 -9.66 0.87 -6.85
C PHE B 3 -8.14 0.88 -6.80
N ARG B 4 -7.60 0.78 -5.61
CA ARG B 4 -6.16 0.86 -5.38
C ARG B 4 -5.61 -0.43 -4.79
N LYS B 5 -4.28 -0.65 -4.88
CA LYS B 5 -3.66 -1.80 -4.20
C LYS B 5 -3.60 -1.32 -2.75
N MET B 6 -4.55 -1.78 -1.95
CA MET B 6 -4.75 -1.29 -0.60
C MET B 6 -4.28 -2.27 0.45
N ALA B 7 -3.48 -1.80 1.41
CA ALA B 7 -3.01 -2.68 2.48
C ALA B 7 -3.92 -2.50 3.70
N PHE B 8 -3.90 -3.44 4.66
CA PHE B 8 -4.61 -3.25 5.92
C PHE B 8 -3.87 -2.14 6.68
N PRO B 9 -4.56 -1.38 7.55
CA PRO B 9 -3.84 -0.43 8.41
C PRO B 9 -2.82 -1.24 9.25
N SER B 10 -1.60 -0.73 9.40
CA SER B 10 -0.54 -1.52 10.04
C SER B 10 -0.25 -1.22 11.51
N GLY B 11 -0.98 -0.28 12.10
CA GLY B 11 -0.84 0.12 13.49
C GLY B 11 -0.74 -1.01 14.50
N LYS B 12 -1.62 -2.00 14.42
CA LYS B 12 -1.60 -3.13 15.37
C LYS B 12 -0.34 -3.97 15.23
N VAL B 13 0.23 -4.04 14.04
CA VAL B 13 1.47 -4.80 13.80
C VAL B 13 2.70 -3.99 14.16
N GLU B 14 2.70 -2.66 13.89
CA GLU B 14 3.83 -1.79 14.26
C GLU B 14 4.10 -1.84 15.75
N GLY B 15 3.04 -1.92 16.57
CA GLY B 15 3.16 -2.02 18.01
C GLY B 15 3.76 -3.33 18.49
N CYS B 16 4.00 -4.28 17.57
CA CYS B 16 4.63 -5.55 17.90
C CYS B 16 6.05 -5.70 17.39
N MET B 17 6.55 -4.75 16.60
CA MET B 17 7.85 -4.88 15.98
C MET B 17 8.99 -4.48 16.92
N VAL B 18 9.98 -5.36 17.05
CA VAL B 18 11.14 -5.11 17.89
C VAL B 18 12.41 -5.47 17.10
N GLN B 19 13.55 -5.00 17.59
CA GLN B 19 14.84 -5.28 17.00
C GLN B 19 15.47 -6.45 17.77
N VAL B 20 15.99 -7.43 17.03
CA VAL B 20 16.63 -8.60 17.62
C VAL B 20 18.05 -8.69 17.11
N THR B 21 19.03 -8.65 18.01
CA THR B 21 20.44 -8.74 17.65
C THR B 21 21.08 -9.95 18.31
N CYS B 22 21.80 -10.73 17.52
CA CYS B 22 22.61 -11.83 18.02
C CYS B 22 23.96 -11.67 17.36
N GLY B 23 24.95 -11.26 18.14
CA GLY B 23 26.28 -11.04 17.61
C GLY B 23 26.33 -9.88 16.65
N THR B 24 26.75 -10.15 15.41
CA THR B 24 26.83 -9.09 14.40
C THR B 24 25.55 -8.96 13.55
N THR B 25 24.57 -9.87 13.71
CA THR B 25 23.35 -9.83 12.92
C THR B 25 22.23 -9.14 13.65
N THR B 26 21.60 -8.15 12.99
CA THR B 26 20.44 -7.48 13.51
C THR B 26 19.29 -7.76 12.53
N LEU B 27 18.15 -8.20 13.05
CA LEU B 27 16.96 -8.39 12.24
C LEU B 27 15.69 -8.00 13.06
N ASN B 28 14.49 -8.28 12.54
CA ASN B 28 13.27 -7.91 13.22
C ASN B 28 12.63 -9.08 13.93
N GLY B 29 11.93 -8.78 15.00
CA GLY B 29 11.21 -9.79 15.76
C GLY B 29 9.77 -9.35 15.98
N LEU B 30 8.87 -10.31 16.15
CA LEU B 30 7.44 -10.02 16.40
C LEU B 30 7.17 -10.31 17.89
N TRP B 31 6.77 -9.28 18.63
CA TRP B 31 6.56 -9.35 20.07
C TRP B 31 5.08 -9.42 20.45
N LEU B 32 4.66 -10.60 20.92
CA LEU B 32 3.26 -10.87 21.29
C LEU B 32 3.27 -11.44 22.67
N ASP B 33 2.52 -10.84 23.61
CA ASP B 33 2.56 -11.26 25.02
C ASP B 33 4.03 -11.19 25.53
N ASP B 34 4.59 -12.22 26.17
CA ASP B 34 5.97 -12.18 26.64
C ASP B 34 6.91 -13.02 25.75
N VAL B 35 6.60 -13.15 24.44
CA VAL B 35 7.44 -13.91 23.50
C VAL B 35 7.79 -13.08 22.24
N VAL B 36 9.02 -13.22 21.77
CA VAL B 36 9.49 -12.56 20.56
C VAL B 36 9.81 -13.65 19.55
N TYR B 37 9.21 -13.57 18.35
CA TYR B 37 9.39 -14.57 17.29
C TYR B 37 10.26 -13.97 16.23
N CYS B 38 11.28 -14.67 15.80
CA CYS B 38 12.18 -14.18 14.78
C CYS B 38 12.82 -15.33 13.97
N PRO B 39 13.38 -15.05 12.78
CA PRO B 39 14.00 -16.12 12.01
C PRO B 39 15.22 -16.68 12.77
N ARG B 40 15.34 -18.01 12.84
CA ARG B 40 16.45 -18.62 13.59
C ARG B 40 17.81 -18.33 12.98
N HIS B 41 17.88 -17.91 11.68
CA HIS B 41 19.18 -17.65 11.09
C HIS B 41 19.88 -16.42 11.70
N VAL B 42 19.25 -15.72 12.68
CA VAL B 42 19.87 -14.62 13.43
C VAL B 42 21.10 -15.16 14.22
N ILE B 43 21.08 -16.45 14.60
CA ILE B 43 22.16 -17.08 15.36
C ILE B 43 23.33 -17.54 14.47
N CYS B 44 23.23 -17.41 13.13
CA CYS B 44 24.30 -17.86 12.24
C CYS B 44 25.47 -16.88 12.06
N THR B 45 26.63 -17.42 11.67
CA THR B 45 27.90 -16.75 11.37
C THR B 45 28.35 -15.83 12.49
N PRO B 52 24.82 -25.70 8.28
CA PRO B 52 24.81 -24.92 9.53
C PRO B 52 23.85 -25.54 10.54
N ASN B 53 24.36 -26.40 11.45
CA ASN B 53 23.56 -27.09 12.46
C ASN B 53 22.92 -26.12 13.43
N TYR B 54 21.63 -25.84 13.23
CA TYR B 54 20.90 -24.92 14.07
C TYR B 54 20.75 -25.38 15.51
N GLU B 55 20.53 -26.67 15.75
CA GLU B 55 20.42 -27.19 17.12
C GLU B 55 21.71 -26.96 17.92
N ASP B 56 22.87 -27.16 17.27
CA ASP B 56 24.15 -26.98 17.95
C ASP B 56 24.46 -25.49 18.13
N LEU B 57 24.07 -24.66 17.15
CA LEU B 57 24.27 -23.22 17.24
C LEU B 57 23.40 -22.65 18.37
N LEU B 58 22.17 -23.16 18.54
CA LEU B 58 21.30 -22.69 19.62
C LEU B 58 21.77 -23.16 20.99
N ILE B 59 22.21 -24.42 21.09
CA ILE B 59 22.69 -24.97 22.37
C ILE B 59 23.85 -24.15 22.94
N ARG B 60 24.70 -23.61 22.06
CA ARG B 60 25.85 -22.81 22.50
C ARG B 60 25.45 -21.39 22.95
N LYS B 61 24.28 -20.90 22.52
CA LYS B 61 23.80 -19.57 22.87
C LYS B 61 23.17 -19.55 24.26
N SER B 62 23.18 -18.37 24.88
CA SER B 62 22.55 -18.15 26.16
C SER B 62 21.55 -16.97 25.99
N ASN B 63 20.71 -16.72 27.00
CA ASN B 63 19.76 -15.61 26.97
C ASN B 63 20.45 -14.27 26.74
N HIS B 64 21.65 -14.06 27.34
CA HIS B 64 22.41 -12.83 27.21
C HIS B 64 22.96 -12.59 25.79
N ASN B 65 23.01 -13.63 24.93
CA ASN B 65 23.45 -13.44 23.55
C ASN B 65 22.39 -12.78 22.65
N PHE B 66 21.16 -12.60 23.15
CA PHE B 66 20.07 -12.00 22.42
C PHE B 66 19.77 -10.62 23.01
N LEU B 67 19.94 -9.57 22.20
CA LEU B 67 19.66 -8.22 22.61
C LEU B 67 18.37 -7.84 21.93
N VAL B 68 17.31 -7.60 22.71
CA VAL B 68 16.01 -7.26 22.13
C VAL B 68 15.65 -5.82 22.51
N GLN B 69 15.24 -5.01 21.54
CA GLN B 69 14.87 -3.63 21.79
C GLN B 69 13.53 -3.25 21.19
N ALA B 70 12.66 -2.67 22.01
CA ALA B 70 11.37 -2.13 21.62
C ALA B 70 11.64 -0.63 21.62
N GLY B 71 11.96 -0.09 20.46
CA GLY B 71 12.38 1.30 20.34
C GLY B 71 13.74 1.44 20.99
N ASN B 72 13.90 2.37 21.92
CA ASN B 72 15.15 2.51 22.68
C ASN B 72 15.12 1.73 24.02
N VAL B 73 14.03 0.99 24.29
CA VAL B 73 13.82 0.24 25.52
C VAL B 73 14.25 -1.22 25.37
N GLN B 74 15.19 -1.68 26.18
CA GLN B 74 15.63 -3.07 26.11
C GLN B 74 14.64 -4.02 26.79
N LEU B 75 14.40 -5.19 26.19
CA LEU B 75 13.55 -6.21 26.78
C LEU B 75 14.51 -7.35 27.13
N ARG B 76 14.58 -7.72 28.41
CA ARG B 76 15.52 -8.76 28.81
C ARG B 76 15.02 -10.15 28.42
N VAL B 77 15.87 -10.93 27.75
CA VAL B 77 15.53 -12.28 27.33
C VAL B 77 15.72 -13.23 28.49
N ILE B 78 14.65 -13.91 28.92
CA ILE B 78 14.70 -14.85 30.04
C ILE B 78 14.54 -16.34 29.63
N GLY B 79 14.40 -16.60 28.34
CA GLY B 79 14.29 -17.96 27.83
C GLY B 79 14.39 -17.98 26.33
N HIS B 80 14.78 -19.12 25.75
CA HIS B 80 14.87 -19.22 24.30
C HIS B 80 14.65 -20.65 23.87
N SER B 81 14.06 -20.82 22.71
CA SER B 81 13.81 -22.12 22.11
C SER B 81 13.63 -21.94 20.59
N MET B 82 13.65 -23.03 19.86
CA MET B 82 13.50 -23.00 18.42
C MET B 82 12.30 -23.84 18.05
N GLN B 83 11.45 -23.32 17.15
CA GLN B 83 10.34 -24.07 16.64
C GLN B 83 10.49 -23.99 15.15
N ASN B 84 10.85 -25.09 14.52
CA ASN B 84 11.07 -25.13 13.09
C ASN B 84 12.13 -24.07 12.67
N CYS B 85 11.83 -23.13 11.76
CA CYS B 85 12.80 -22.10 11.37
C CYS B 85 12.62 -20.78 12.12
N VAL B 86 11.87 -20.77 13.23
CA VAL B 86 11.76 -19.56 14.05
C VAL B 86 12.31 -19.81 15.45
N LEU B 87 12.86 -18.77 16.01
CA LEU B 87 13.40 -18.73 17.34
C LEU B 87 12.37 -17.98 18.21
N LYS B 88 12.00 -18.56 19.34
CA LYS B 88 11.06 -17.94 20.26
C LYS B 88 11.88 -17.48 21.48
N LEU B 89 11.91 -16.19 21.69
CA LEU B 89 12.66 -15.59 22.78
C LEU B 89 11.70 -15.10 23.84
N LYS B 90 11.68 -15.78 25.00
CA LYS B 90 10.82 -15.37 26.10
C LYS B 90 11.43 -14.12 26.70
N VAL B 91 10.65 -13.07 26.88
CA VAL B 91 11.14 -11.82 27.45
C VAL B 91 10.47 -11.50 28.80
N ASP B 92 11.14 -10.66 29.62
CA ASP B 92 10.64 -10.27 30.94
C ASP B 92 9.47 -9.29 30.88
N THR B 93 9.12 -8.76 29.70
CA THR B 93 8.03 -7.80 29.58
C THR B 93 6.97 -8.29 28.60
N ALA B 94 5.69 -8.26 28.99
CA ALA B 94 4.61 -8.61 28.10
C ALA B 94 4.25 -7.36 27.26
N ASN B 95 4.01 -7.53 25.96
CA ASN B 95 3.68 -6.41 25.08
C ASN B 95 2.31 -5.86 25.42
N PRO B 96 2.22 -4.65 26.01
CA PRO B 96 0.90 -4.09 26.34
C PRO B 96 0.07 -3.68 25.13
N LYS B 97 0.67 -3.70 23.94
CA LYS B 97 0.00 -3.43 22.68
C LYS B 97 -0.27 -4.73 21.90
N THR B 98 -0.29 -5.91 22.56
CA THR B 98 -0.54 -7.17 21.85
C THR B 98 -1.97 -7.17 21.36
N PRO B 99 -2.18 -7.25 20.05
CA PRO B 99 -3.55 -7.30 19.55
C PRO B 99 -4.14 -8.69 19.76
N LYS B 100 -5.43 -8.82 19.47
CA LYS B 100 -6.08 -10.12 19.37
C LYS B 100 -5.46 -10.76 18.11
N TYR B 101 -4.93 -11.99 18.22
CA TYR B 101 -4.20 -12.55 17.08
C TYR B 101 -4.35 -14.03 16.91
N LYS B 102 -4.01 -14.50 15.71
CA LYS B 102 -3.96 -15.91 15.34
C LYS B 102 -2.76 -16.06 14.40
N PHE B 103 -2.19 -17.26 14.38
CA PHE B 103 -1.10 -17.59 13.46
C PHE B 103 -1.77 -18.50 12.47
N VAL B 104 -1.80 -18.10 11.21
CA VAL B 104 -2.51 -18.85 10.18
C VAL B 104 -1.56 -19.20 9.03
N ARG B 105 -1.71 -20.41 8.46
CA ARG B 105 -0.91 -20.79 7.32
C ARG B 105 -1.79 -20.59 6.10
N ILE B 106 -1.47 -19.64 5.21
CA ILE B 106 -2.33 -19.40 4.04
C ILE B 106 -2.05 -20.33 2.85
N GLN B 107 -3.01 -20.36 1.91
CA GLN B 107 -2.96 -21.14 0.69
C GLN B 107 -2.50 -20.25 -0.45
N PRO B 108 -1.93 -20.84 -1.52
CA PRO B 108 -1.56 -20.01 -2.69
C PRO B 108 -2.77 -19.30 -3.28
N GLY B 109 -2.55 -18.05 -3.63
CA GLY B 109 -3.59 -17.18 -4.16
C GLY B 109 -4.02 -16.16 -3.15
N GLN B 110 -3.93 -16.48 -1.85
CA GLN B 110 -4.33 -15.57 -0.77
C GLN B 110 -3.39 -14.36 -0.74
N THR B 111 -3.92 -13.18 -0.49
CA THR B 111 -3.13 -11.97 -0.37
C THR B 111 -2.93 -11.62 1.12
N PHE B 112 -1.97 -10.72 1.37
CA PHE B 112 -1.74 -10.25 2.74
C PHE B 112 -0.95 -8.97 2.67
N SER B 113 -0.96 -8.20 3.76
CA SER B 113 -0.16 -6.98 3.80
C SER B 113 1.17 -7.32 4.47
N VAL B 114 2.24 -6.77 3.96
CA VAL B 114 3.55 -6.97 4.54
C VAL B 114 3.96 -5.65 5.20
N LEU B 115 4.45 -5.69 6.44
CA LEU B 115 5.01 -4.50 7.07
C LEU B 115 6.53 -4.67 7.00
N ALA B 116 7.20 -4.01 6.05
CA ALA B 116 8.64 -4.11 5.87
C ALA B 116 9.29 -3.34 7.01
N CYS B 117 10.23 -3.96 7.72
CA CYS B 117 10.90 -3.38 8.88
C CYS B 117 12.40 -3.52 8.74
N TYR B 118 13.16 -2.58 9.33
CA TYR B 118 14.62 -2.57 9.34
C TYR B 118 15.04 -2.13 10.74
N ASN B 119 15.91 -2.90 11.41
CA ASN B 119 16.37 -2.56 12.77
C ASN B 119 15.18 -2.40 13.76
N GLY B 120 14.16 -3.21 13.58
CA GLY B 120 12.95 -3.21 14.42
C GLY B 120 11.98 -2.07 14.17
N SER B 121 12.27 -1.23 13.18
CA SER B 121 11.50 -0.05 12.86
C SER B 121 10.68 -0.22 11.58
N PRO B 122 9.33 -0.13 11.70
CA PRO B 122 8.48 -0.22 10.52
C PRO B 122 8.79 0.87 9.50
N SER B 123 8.96 0.44 8.25
CA SER B 123 9.41 1.34 7.18
C SER B 123 8.43 1.54 6.02
N GLY B 124 7.68 0.51 5.72
CA GLY B 124 6.73 0.55 4.61
C GLY B 124 5.70 -0.54 4.72
N VAL B 125 4.56 -0.37 4.04
CA VAL B 125 3.54 -1.40 4.02
C VAL B 125 3.05 -1.56 2.59
N TYR B 126 2.87 -2.79 2.18
CA TYR B 126 2.37 -3.06 0.83
C TYR B 126 1.58 -4.32 0.82
N GLN B 127 0.88 -4.54 -0.27
CA GLN B 127 0.08 -5.72 -0.45
C GLN B 127 0.77 -6.67 -1.41
N CYS B 128 0.69 -7.98 -1.13
CA CYS B 128 1.20 -8.98 -2.07
C CYS B 128 0.47 -10.32 -1.89
N ALA B 129 0.79 -11.35 -2.69
CA ALA B 129 0.07 -12.62 -2.63
C ALA B 129 1.01 -13.79 -2.54
N MET B 130 0.52 -14.91 -1.98
CA MET B 130 1.28 -16.14 -1.97
C MET B 130 1.07 -16.68 -3.38
N ARG B 131 2.14 -16.71 -4.18
CA ARG B 131 2.02 -17.21 -5.55
C ARG B 131 1.74 -18.73 -5.57
N PRO B 132 1.16 -19.26 -6.66
CA PRO B 132 1.00 -20.72 -6.77
C PRO B 132 2.33 -21.50 -6.65
N ASN B 133 3.51 -20.88 -6.93
CA ASN B 133 4.80 -21.58 -6.74
C ASN B 133 5.40 -21.35 -5.31
N PHE B 134 4.58 -20.83 -4.38
CA PHE B 134 4.91 -20.63 -2.98
C PHE B 134 5.99 -19.60 -2.71
N THR B 135 6.13 -18.65 -3.59
CA THR B 135 7.03 -17.52 -3.37
C THR B 135 6.13 -16.28 -3.26
N ILE B 136 6.68 -15.18 -2.75
CA ILE B 136 5.95 -13.92 -2.72
C ILE B 136 6.77 -12.91 -3.52
N LYS B 137 6.12 -12.06 -4.29
CA LYS B 137 6.84 -11.06 -5.09
C LYS B 137 6.84 -9.83 -4.20
N GLY B 138 7.71 -9.85 -3.19
CA GLY B 138 7.73 -8.76 -2.22
C GLY B 138 8.73 -7.70 -2.61
N SER B 139 9.02 -6.83 -1.66
CA SER B 139 10.00 -5.77 -1.83
C SER B 139 10.75 -5.76 -0.51
N PHE B 140 11.91 -6.36 -0.49
CA PHE B 140 12.70 -6.51 0.73
C PHE B 140 14.16 -6.33 0.43
N LEU B 141 14.88 -5.70 1.35
CA LEU B 141 16.32 -5.50 1.28
C LEU B 141 16.99 -6.26 2.44
N ASN B 142 18.33 -6.27 2.47
CA ASN B 142 19.10 -6.85 3.56
C ASN B 142 18.71 -6.19 4.87
N GLY B 143 18.37 -6.99 5.86
CA GLY B 143 17.94 -6.46 7.15
C GLY B 143 16.44 -6.55 7.36
N SER B 144 15.66 -6.91 6.31
CA SER B 144 14.21 -7.01 6.41
C SER B 144 13.71 -8.29 7.06
N CYS B 145 14.60 -9.28 7.30
CA CYS B 145 14.20 -10.54 7.95
C CYS B 145 13.43 -10.30 9.25
N GLY B 146 12.38 -11.09 9.46
CA GLY B 146 11.52 -10.94 10.63
C GLY B 146 10.34 -10.03 10.37
N SER B 147 10.31 -9.34 9.22
CA SER B 147 9.15 -8.53 8.79
C SER B 147 8.00 -9.54 8.58
N VAL B 148 6.77 -9.16 8.91
CA VAL B 148 5.65 -10.08 8.78
C VAL B 148 4.57 -9.67 7.79
N GLY B 149 3.87 -10.68 7.30
CA GLY B 149 2.70 -10.60 6.44
C GLY B 149 1.48 -10.93 7.29
N PHE B 150 0.37 -10.22 7.06
CA PHE B 150 -0.81 -10.40 7.90
C PHE B 150 -2.12 -10.00 7.18
N ASN B 151 -3.25 -10.44 7.75
CA ASN B 151 -4.59 -9.98 7.37
C ASN B 151 -5.27 -9.57 8.70
N ILE B 152 -6.33 -8.77 8.64
CA ILE B 152 -7.07 -8.36 9.84
C ILE B 152 -8.56 -8.59 9.59
N ASP B 153 -9.29 -8.98 10.64
CA ASP B 153 -10.74 -9.18 10.55
C ASP B 153 -11.24 -8.67 11.87
N TYR B 154 -12.06 -7.60 11.82
CA TYR B 154 -12.60 -6.93 12.99
C TYR B 154 -11.42 -6.31 13.76
N ASP B 155 -10.96 -6.92 14.86
CA ASP B 155 -9.78 -6.45 15.59
C ASP B 155 -8.72 -7.56 15.74
N CYS B 156 -8.89 -8.67 15.02
CA CYS B 156 -7.96 -9.81 15.12
C CYS B 156 -6.99 -9.86 13.96
N VAL B 157 -5.69 -9.84 14.29
CA VAL B 157 -4.62 -9.92 13.31
C VAL B 157 -4.20 -11.37 13.08
N SER B 158 -4.37 -11.86 11.84
CA SER B 158 -3.93 -13.18 11.49
C SER B 158 -2.55 -13.04 10.82
N PHE B 159 -1.48 -13.40 11.54
CA PHE B 159 -0.12 -13.35 11.00
C PHE B 159 0.08 -14.59 10.15
N CYS B 160 0.54 -14.40 8.91
CA CYS B 160 0.68 -15.54 8.00
C CYS B 160 2.05 -15.70 7.39
N TYR B 161 2.94 -14.73 7.52
CA TYR B 161 4.25 -14.81 6.86
C TYR B 161 5.32 -14.13 7.70
N MET B 162 6.51 -14.71 7.73
CA MET B 162 7.66 -14.07 8.35
C MET B 162 8.77 -14.16 7.29
N HIS B 163 9.38 -13.05 6.96
CA HIS B 163 10.40 -13.03 5.92
C HIS B 163 11.73 -13.63 6.32
N HIS B 164 12.30 -14.46 5.45
CA HIS B 164 13.60 -15.06 5.71
C HIS B 164 14.60 -14.80 4.58
N MET B 165 14.17 -14.91 3.29
CA MET B 165 15.17 -14.87 2.23
C MET B 165 14.69 -14.47 0.86
N GLU B 166 15.67 -14.17 0.00
CA GLU B 166 15.45 -13.80 -1.38
C GLU B 166 16.03 -14.89 -2.26
N LEU B 167 15.29 -15.27 -3.29
CA LEU B 167 15.71 -16.31 -4.22
C LEU B 167 16.39 -15.67 -5.45
N PRO B 168 17.12 -16.47 -6.27
CA PRO B 168 17.83 -15.89 -7.44
C PRO B 168 17.04 -14.93 -8.34
N THR B 169 15.76 -15.18 -8.62
CA THR B 169 14.99 -14.30 -9.50
C THR B 169 14.50 -12.99 -8.84
N GLY B 170 14.85 -12.75 -7.60
CA GLY B 170 14.39 -11.55 -6.90
C GLY B 170 13.08 -11.73 -6.16
N VAL B 171 12.46 -12.93 -6.21
CA VAL B 171 11.23 -13.17 -5.44
C VAL B 171 11.64 -13.65 -4.02
N HIS B 172 10.68 -13.80 -3.10
CA HIS B 172 10.99 -14.07 -1.71
C HIS B 172 10.38 -15.35 -1.15
N ALA B 173 11.02 -15.88 -0.11
CA ALA B 173 10.59 -17.09 0.57
C ALA B 173 10.65 -16.89 2.07
N GLY B 174 9.68 -17.47 2.76
CA GLY B 174 9.60 -17.36 4.20
C GLY B 174 8.73 -18.41 4.81
N THR B 175 8.37 -18.22 6.07
CA THR B 175 7.62 -19.20 6.82
C THR B 175 6.29 -18.64 7.35
N ASP B 176 5.47 -19.50 7.95
CA ASP B 176 4.33 -19.04 8.70
C ASP B 176 4.96 -18.70 10.10
N LEU B 177 4.15 -18.27 11.08
CA LEU B 177 4.69 -17.92 12.38
C LEU B 177 5.04 -19.13 13.26
N GLU B 178 4.82 -20.33 12.76
CA GLU B 178 5.26 -21.54 13.42
C GLU B 178 6.62 -22.00 12.86
N GLY B 179 7.22 -21.22 11.95
CA GLY B 179 8.54 -21.52 11.40
C GLY B 179 8.57 -22.48 10.23
N ASN B 180 7.43 -22.85 9.68
CA ASN B 180 7.40 -23.79 8.55
C ASN B 180 7.42 -23.02 7.24
N PHE B 181 8.39 -23.31 6.39
CA PHE B 181 8.49 -22.66 5.10
C PHE B 181 7.28 -22.90 4.21
N TYR B 182 6.95 -21.88 3.43
CA TYR B 182 5.98 -22.05 2.38
C TYR B 182 6.82 -22.61 1.24
N GLY B 183 6.33 -23.66 0.59
CA GLY B 183 7.07 -24.26 -0.51
C GLY B 183 8.21 -25.15 -0.06
N PRO B 184 8.99 -25.63 -1.02
CA PRO B 184 10.10 -26.55 -0.68
C PRO B 184 11.41 -25.81 -0.40
N PHE B 185 11.35 -24.65 0.25
CA PHE B 185 12.57 -23.88 0.52
C PHE B 185 13.14 -24.15 1.92
N VAL B 186 14.44 -23.95 2.07
CA VAL B 186 15.18 -24.17 3.31
C VAL B 186 16.01 -22.93 3.72
N ASP B 187 16.32 -22.80 5.02
CA ASP B 187 17.16 -21.68 5.47
C ASP B 187 18.65 -22.07 5.51
N ARG B 188 19.15 -22.53 4.37
CA ARG B 188 20.54 -22.92 4.18
C ARG B 188 21.09 -22.21 2.92
N GLN B 189 22.43 -22.11 2.81
CA GLN B 189 23.08 -21.48 1.66
C GLN B 189 23.22 -22.44 0.49
N THR B 190 22.11 -22.99 0.02
CA THR B 190 22.11 -23.92 -1.11
C THR B 190 21.47 -23.25 -2.35
N ALA B 191 21.64 -23.85 -3.51
CA ALA B 191 21.06 -23.33 -4.74
C ALA B 191 19.59 -23.72 -4.80
N GLN B 192 18.71 -22.80 -4.42
CA GLN B 192 17.27 -23.03 -4.45
C GLN B 192 16.68 -22.15 -5.52
N ALA B 193 15.59 -22.59 -6.15
CA ALA B 193 14.97 -21.82 -7.22
C ALA B 193 13.45 -21.93 -7.23
N ALA B 194 12.77 -20.83 -7.52
CA ALA B 194 11.32 -20.82 -7.61
C ALA B 194 10.89 -21.63 -8.83
N GLY B 195 9.86 -22.45 -8.68
CA GLY B 195 9.32 -23.20 -9.80
C GLY B 195 8.56 -22.29 -10.76
N THR B 196 8.05 -22.83 -11.87
CA THR B 196 7.27 -22.03 -12.83
C THR B 196 5.99 -21.51 -12.13
N ASP B 197 5.63 -20.24 -12.37
CA ASP B 197 4.45 -19.67 -11.73
C ASP B 197 3.21 -19.78 -12.62
N THR B 198 2.05 -19.43 -12.07
CA THR B 198 0.77 -19.51 -12.76
C THR B 198 -0.10 -18.28 -12.34
N THR B 199 -1.01 -17.80 -13.22
CA THR B 199 -1.90 -16.68 -12.87
C THR B 199 -3.06 -17.20 -11.99
N ILE B 200 -3.39 -16.48 -10.90
CA ILE B 200 -4.43 -16.87 -9.96
C ILE B 200 -5.77 -16.44 -10.53
N THR B 201 -6.40 -17.35 -11.27
CA THR B 201 -7.65 -17.10 -11.97
C THR B 201 -8.76 -16.51 -11.09
N VAL B 202 -9.03 -17.10 -9.91
CA VAL B 202 -10.10 -16.59 -9.05
C VAL B 202 -9.90 -15.11 -8.69
N ASN B 203 -8.63 -14.69 -8.53
CA ASN B 203 -8.31 -13.31 -8.22
C ASN B 203 -8.52 -12.42 -9.43
N VAL B 204 -8.22 -12.92 -10.65
CA VAL B 204 -8.48 -12.12 -11.87
C VAL B 204 -9.98 -11.87 -11.99
N LEU B 205 -10.78 -12.91 -11.76
CA LEU B 205 -12.24 -12.78 -11.79
C LEU B 205 -12.72 -11.78 -10.77
N ALA B 206 -12.16 -11.84 -9.57
CA ALA B 206 -12.51 -10.89 -8.51
C ALA B 206 -12.27 -9.44 -8.90
N TRP B 207 -11.15 -9.16 -9.55
CA TRP B 207 -10.75 -7.83 -10.00
C TRP B 207 -11.62 -7.37 -11.18
N LEU B 208 -12.11 -8.30 -12.03
CA LEU B 208 -13.05 -7.92 -13.11
C LEU B 208 -14.38 -7.49 -12.47
N TYR B 209 -14.81 -8.14 -11.37
CA TYR B 209 -16.01 -7.70 -10.65
C TYR B 209 -15.73 -6.31 -10.03
N ALA B 210 -14.51 -6.07 -9.51
CA ALA B 210 -14.15 -4.75 -8.97
C ALA B 210 -14.26 -3.68 -10.06
N ALA B 211 -13.84 -4.01 -11.28
CA ALA B 211 -13.95 -3.12 -12.44
C ALA B 211 -15.42 -2.85 -12.73
N VAL B 212 -16.28 -3.88 -12.71
CA VAL B 212 -17.70 -3.68 -12.95
C VAL B 212 -18.34 -2.77 -11.88
N ILE B 213 -17.98 -2.95 -10.61
CA ILE B 213 -18.52 -2.10 -9.54
C ILE B 213 -18.13 -0.61 -9.77
N ASN B 214 -16.95 -0.41 -10.32
CA ASN B 214 -16.42 0.92 -10.60
C ASN B 214 -16.82 1.50 -11.97
N GLY B 215 -17.76 0.87 -12.66
CA GLY B 215 -18.28 1.33 -13.93
C GLY B 215 -17.50 0.99 -15.18
N ASP B 216 -16.57 0.03 -15.09
CA ASP B 216 -15.79 -0.39 -16.26
C ASP B 216 -16.44 -1.67 -16.73
N ARG B 217 -17.17 -1.64 -17.86
CA ARG B 217 -17.85 -2.84 -18.30
C ARG B 217 -17.79 -3.11 -19.82
N TRP B 218 -16.79 -2.58 -20.53
CA TRP B 218 -16.68 -2.84 -21.98
C TRP B 218 -16.39 -4.30 -22.30
N PHE B 219 -15.73 -5.01 -21.37
CA PHE B 219 -15.31 -6.40 -21.55
C PHE B 219 -16.40 -7.41 -21.33
N LEU B 220 -17.55 -7.00 -20.79
CA LEU B 220 -18.61 -7.95 -20.51
C LEU B 220 -19.27 -8.41 -21.79
N ASN B 221 -19.59 -9.69 -21.85
CA ASN B 221 -20.43 -10.22 -22.93
C ASN B 221 -21.61 -10.94 -22.26
N ARG B 222 -22.65 -11.26 -23.02
CA ARG B 222 -23.83 -11.93 -22.48
C ARG B 222 -23.78 -13.46 -22.57
N PHE B 223 -22.69 -14.02 -23.11
CA PHE B 223 -22.54 -15.44 -23.20
C PHE B 223 -22.11 -15.99 -21.85
N THR B 224 -22.38 -17.27 -21.64
CA THR B 224 -21.90 -17.98 -20.49
C THR B 224 -21.02 -19.10 -21.01
N THR B 225 -20.19 -19.65 -20.17
CA THR B 225 -19.32 -20.76 -20.52
C THR B 225 -19.45 -21.83 -19.41
N THR B 226 -18.75 -22.95 -19.54
CA THR B 226 -18.77 -24.00 -18.53
C THR B 226 -17.36 -23.98 -17.87
N LEU B 227 -17.21 -24.65 -16.71
CA LEU B 227 -15.91 -24.74 -16.07
C LEU B 227 -14.96 -25.53 -16.96
N ASN B 228 -15.43 -26.63 -17.56
CA ASN B 228 -14.60 -27.43 -18.47
C ASN B 228 -14.12 -26.61 -19.67
N ASP B 229 -15.02 -25.88 -20.36
CA ASP B 229 -14.60 -25.08 -21.52
C ASP B 229 -13.67 -23.94 -21.12
N PHE B 230 -13.96 -23.28 -19.99
CA PHE B 230 -13.11 -22.20 -19.52
C PHE B 230 -11.70 -22.71 -19.17
N ASN B 231 -11.63 -23.89 -18.53
CA ASN B 231 -10.37 -24.44 -18.05
C ASN B 231 -9.43 -24.89 -19.17
N LEU B 232 -9.97 -25.18 -20.37
CA LEU B 232 -9.14 -25.50 -21.53
C LEU B 232 -8.36 -24.26 -21.94
N VAL B 233 -9.04 -23.09 -21.95
CA VAL B 233 -8.42 -21.81 -22.26
C VAL B 233 -7.45 -21.41 -21.12
N ALA B 234 -7.87 -21.57 -19.86
CA ALA B 234 -7.01 -21.26 -18.71
C ALA B 234 -5.64 -21.99 -18.80
N MET B 235 -5.65 -23.31 -19.09
CA MET B 235 -4.43 -24.11 -19.22
C MET B 235 -3.52 -23.55 -20.31
N LYS B 236 -4.09 -23.15 -21.43
CA LYS B 236 -3.33 -22.62 -22.54
C LYS B 236 -2.61 -21.35 -22.17
N TYR B 237 -3.25 -20.48 -21.38
CA TYR B 237 -2.64 -19.22 -21.01
C TYR B 237 -2.02 -19.22 -19.62
N ASN B 238 -1.64 -20.39 -19.09
CA ASN B 238 -0.95 -20.46 -17.78
C ASN B 238 -1.73 -19.85 -16.61
N TYR B 239 -3.02 -20.06 -16.62
CA TYR B 239 -3.91 -19.66 -15.55
C TYR B 239 -4.26 -20.92 -14.75
N GLU B 240 -4.48 -20.77 -13.44
CA GLU B 240 -4.84 -21.90 -12.60
C GLU B 240 -6.23 -22.36 -12.98
N PRO B 241 -6.49 -23.67 -12.97
CA PRO B 241 -7.85 -24.15 -13.23
C PRO B 241 -8.83 -23.56 -12.20
N LEU B 242 -10.03 -23.24 -12.64
CA LEU B 242 -11.08 -22.71 -11.77
C LEU B 242 -11.94 -23.87 -11.29
N THR B 243 -12.22 -23.92 -9.98
CA THR B 243 -12.99 -24.99 -9.36
C THR B 243 -14.37 -24.48 -8.88
N GLN B 244 -15.24 -25.42 -8.45
CA GLN B 244 -16.53 -25.07 -7.86
C GLN B 244 -16.32 -24.24 -6.58
N ASP B 245 -15.25 -24.52 -5.81
CA ASP B 245 -14.93 -23.73 -4.62
C ASP B 245 -14.68 -22.26 -4.98
N HIS B 246 -13.93 -22.00 -6.06
CA HIS B 246 -13.69 -20.64 -6.53
C HIS B 246 -15.02 -19.97 -6.94
N VAL B 247 -15.88 -20.69 -7.65
CA VAL B 247 -17.19 -20.19 -8.07
C VAL B 247 -18.02 -19.77 -6.85
N ASP B 248 -18.07 -20.62 -5.83
CA ASP B 248 -18.81 -20.33 -4.60
C ASP B 248 -18.23 -19.11 -3.90
N ILE B 249 -16.92 -19.02 -3.85
CA ILE B 249 -16.22 -17.91 -3.21
C ILE B 249 -16.52 -16.55 -3.93
N LEU B 250 -16.77 -16.61 -5.26
CA LEU B 250 -17.16 -15.41 -6.04
C LEU B 250 -18.67 -15.08 -5.97
N GLY B 251 -19.46 -15.94 -5.33
CA GLY B 251 -20.90 -15.82 -5.15
C GLY B 251 -21.36 -14.45 -4.69
N PRO B 252 -20.79 -13.90 -3.59
CA PRO B 252 -21.23 -12.57 -3.12
C PRO B 252 -21.00 -11.45 -4.13
N LEU B 253 -19.85 -11.45 -4.81
CA LEU B 253 -19.55 -10.43 -5.84
C LEU B 253 -20.45 -10.61 -7.07
N SER B 254 -20.79 -11.84 -7.40
CA SER B 254 -21.71 -12.15 -8.48
C SER B 254 -23.11 -11.60 -8.10
N ALA B 255 -23.55 -11.78 -6.86
CA ALA B 255 -24.86 -11.29 -6.41
C ALA B 255 -24.91 -9.77 -6.35
N GLN B 256 -23.82 -9.15 -5.96
CA GLN B 256 -23.69 -7.69 -5.86
C GLN B 256 -23.81 -7.03 -7.24
N THR B 257 -23.19 -7.63 -8.27
CA THR B 257 -23.18 -7.06 -9.61
C THR B 257 -24.28 -7.58 -10.53
N GLY B 258 -24.90 -8.70 -10.17
CA GLY B 258 -25.92 -9.31 -11.00
C GLY B 258 -25.36 -10.00 -12.23
N ILE B 259 -24.11 -10.48 -12.12
CA ILE B 259 -23.42 -11.15 -13.22
C ILE B 259 -22.97 -12.50 -12.71
N ALA B 260 -23.54 -13.59 -13.23
CA ALA B 260 -23.18 -14.96 -12.81
C ALA B 260 -21.68 -15.22 -12.97
N VAL B 261 -21.09 -16.04 -12.08
CA VAL B 261 -19.64 -16.33 -12.18
C VAL B 261 -19.25 -16.87 -13.56
N LEU B 262 -20.03 -17.82 -14.10
CA LEU B 262 -19.71 -18.43 -15.40
C LEU B 262 -19.92 -17.46 -16.58
N ASP B 263 -20.75 -16.44 -16.38
CA ASP B 263 -20.96 -15.37 -17.33
C ASP B 263 -19.68 -14.53 -17.33
N MET B 264 -19.13 -14.19 -16.14
CA MET B 264 -17.87 -13.46 -16.08
C MET B 264 -16.72 -14.30 -16.66
N CYS B 265 -16.76 -15.66 -16.49
CA CYS B 265 -15.71 -16.52 -17.05
C CYS B 265 -15.70 -16.41 -18.58
N ALA B 266 -16.89 -16.29 -19.22
CA ALA B 266 -16.93 -16.15 -20.69
C ALA B 266 -16.35 -14.80 -21.14
N SER B 267 -16.44 -13.76 -20.28
CA SER B 267 -15.83 -12.47 -20.57
C SER B 267 -14.31 -12.57 -20.41
N LEU B 268 -13.82 -13.30 -19.40
CA LEU B 268 -12.38 -13.46 -19.19
C LEU B 268 -11.76 -14.30 -20.33
N LYS B 269 -12.49 -15.31 -20.77
CA LYS B 269 -12.05 -16.18 -21.85
C LYS B 269 -11.78 -15.38 -23.13
N GLU B 270 -12.66 -14.42 -23.44
CA GLU B 270 -12.50 -13.58 -24.62
C GLU B 270 -11.30 -12.64 -24.47
N LEU B 271 -11.06 -12.12 -23.26
CA LEU B 271 -9.91 -11.24 -23.01
C LEU B 271 -8.63 -12.04 -23.20
N LEU B 272 -8.58 -13.29 -22.70
CA LEU B 272 -7.39 -14.12 -22.84
C LEU B 272 -7.07 -14.40 -24.29
N GLN B 273 -8.09 -14.74 -25.10
CA GLN B 273 -7.91 -15.08 -26.50
C GLN B 273 -7.70 -13.90 -27.44
N ASN B 274 -8.25 -12.72 -27.10
CA ASN B 274 -8.17 -11.57 -28.00
C ASN B 274 -7.33 -10.39 -27.52
N GLY B 275 -6.98 -10.38 -26.24
CA GLY B 275 -6.24 -9.27 -25.66
C GLY B 275 -7.14 -8.08 -25.35
N MET B 276 -6.55 -6.98 -24.88
CA MET B 276 -7.31 -5.77 -24.56
C MET B 276 -7.46 -4.80 -25.74
N ASN B 277 -6.65 -4.97 -26.79
CA ASN B 277 -6.68 -4.11 -27.98
C ASN B 277 -6.57 -2.62 -27.65
N GLY B 278 -5.57 -2.25 -26.87
CA GLY B 278 -5.34 -0.86 -26.51
C GLY B 278 -6.19 -0.33 -25.37
N ARG B 279 -7.17 -1.12 -24.90
CA ARG B 279 -8.05 -0.67 -23.82
C ARG B 279 -7.49 -1.01 -22.44
N THR B 280 -8.01 -0.38 -21.38
CA THR B 280 -7.57 -0.66 -20.01
C THR B 280 -8.77 -1.07 -19.14
N ILE B 281 -8.49 -1.71 -18.00
CA ILE B 281 -9.50 -2.11 -17.04
C ILE B 281 -8.95 -1.59 -15.71
N LEU B 282 -9.65 -0.68 -15.03
CA LEU B 282 -9.13 -0.08 -13.79
C LEU B 282 -7.71 0.51 -13.96
N GLY B 283 -7.44 1.11 -15.11
CA GLY B 283 -6.16 1.72 -15.44
C GLY B 283 -5.01 0.78 -15.77
N SER B 284 -5.30 -0.52 -15.92
CA SER B 284 -4.27 -1.50 -16.21
C SER B 284 -4.43 -2.08 -17.61
N ALA B 285 -3.30 -2.26 -18.30
CA ALA B 285 -3.29 -2.90 -19.62
C ALA B 285 -3.05 -4.42 -19.51
N LEU B 286 -2.85 -4.94 -18.29
CA LEU B 286 -2.70 -6.38 -18.03
C LEU B 286 -3.77 -6.79 -17.03
N LEU B 287 -4.06 -8.10 -16.93
CA LEU B 287 -5.07 -8.57 -15.96
C LEU B 287 -4.40 -8.76 -14.59
N GLU B 288 -4.97 -8.15 -13.55
CA GLU B 288 -4.41 -8.21 -12.21
C GLU B 288 -4.90 -9.41 -11.42
N ASP B 289 -3.98 -10.16 -10.80
CA ASP B 289 -4.32 -11.35 -10.03
C ASP B 289 -3.96 -11.29 -8.55
N GLU B 290 -3.71 -10.08 -7.98
CA GLU B 290 -3.35 -10.03 -6.55
C GLU B 290 -4.39 -9.28 -5.70
N PHE B 291 -5.68 -9.42 -6.08
CA PHE B 291 -6.83 -8.98 -5.30
C PHE B 291 -7.72 -10.20 -5.16
N THR B 292 -7.92 -10.68 -3.94
CA THR B 292 -8.83 -11.81 -3.74
C THR B 292 -10.27 -11.30 -3.79
N PRO B 293 -11.26 -12.21 -3.87
CA PRO B 293 -12.67 -11.79 -3.75
C PRO B 293 -12.93 -10.95 -2.48
N PHE B 294 -12.33 -11.33 -1.34
CA PHE B 294 -12.53 -10.62 -0.07
C PHE B 294 -11.87 -9.24 -0.12
N ASP B 295 -10.72 -9.09 -0.82
CA ASP B 295 -10.10 -7.77 -0.96
C ASP B 295 -11.05 -6.83 -1.69
N VAL B 296 -11.76 -7.31 -2.71
CA VAL B 296 -12.70 -6.48 -3.46
C VAL B 296 -13.88 -6.06 -2.60
N VAL B 297 -14.44 -7.01 -1.85
CA VAL B 297 -15.58 -6.72 -0.97
C VAL B 297 -15.20 -5.66 0.09
N ARG B 298 -14.04 -5.83 0.74
CA ARG B 298 -13.61 -4.90 1.78
C ARG B 298 -13.40 -3.48 1.22
N GLN B 299 -12.67 -3.35 0.11
CA GLN B 299 -12.40 -2.05 -0.47
C GLN B 299 -13.64 -1.36 -1.01
N CYS B 300 -14.49 -2.09 -1.77
CA CYS B 300 -15.68 -1.51 -2.37
C CYS B 300 -16.83 -1.24 -1.38
N SER B 301 -16.85 -1.88 -0.21
CA SER B 301 -17.88 -1.60 0.79
C SER B 301 -17.38 -0.77 2.00
N GLY B 302 -16.06 -0.61 2.12
CA GLY B 302 -15.50 0.23 3.17
C GLY B 302 -15.46 -0.44 4.52
N VAL B 303 -15.04 -1.71 4.52
CA VAL B 303 -14.88 -2.45 5.75
C VAL B 303 -13.75 -1.80 6.58
N THR B 304 -13.97 -1.58 7.86
CA THR B 304 -12.98 -0.98 8.74
C THR B 304 -12.56 -1.99 9.82
N PHE B 305 -11.51 -1.65 10.57
CA PHE B 305 -11.00 -2.53 11.60
C PHE B 305 -11.09 -1.81 12.94
N GLN B 306 -11.39 -2.54 13.99
CA GLN B 306 -11.56 -1.96 15.33
C GLN B 306 -10.30 -2.05 16.16
N GLY C 1 -19.51 13.67 -5.66
CA GLY C 1 -20.15 14.42 -4.59
C GLY C 1 -19.26 14.58 -3.36
N PHE C 2 -19.81 15.18 -2.31
CA PHE C 2 -19.05 15.35 -1.08
C PHE C 2 -18.96 14.05 -0.29
N GLY D 1 19.71 -14.48 -1.07
CA GLY D 1 20.23 -15.00 0.17
C GLY D 1 19.42 -14.54 1.37
N PHE D 2 20.01 -14.65 2.56
CA PHE D 2 19.27 -14.41 3.79
C PHE D 2 19.09 -12.91 3.94
#